data_8JTZ
#
_entry.id   8JTZ
#
_cell.length_a   1.00
_cell.length_b   1.00
_cell.length_c   1.00
_cell.angle_alpha   90.00
_cell.angle_beta   90.00
_cell.angle_gamma   90.00
#
_symmetry.space_group_name_H-M   'P 1'
#
loop_
_entity.id
_entity.type
_entity.pdbx_description
1 polymer 'Solute carrier family 22 member 1'
2 non-polymer SPIRONOLACTONE
#
_entity_poly.entity_id   1
_entity_poly.type   'polypeptide(L)'
_entity_poly.pdbx_seq_one_letter_code
;MPTVDDILEQVGESGWFQKQAFLILCLLSAAFAPICVGIVFLGFTPDHHCQSPGVAELSQRCGWSPAEELNYTVPGLGPA
GEAFLGQCRRYEVDWNQSALSCVDPLASLATNRSHLPLGPCQDGWVYDTPGSSIVTEFNLVCADSWKLDLFQSCLNAGFL
FGSLGVGYFADRFGRKLCLLGTVLVNAVSGVLMAFSPNYMSMLLFRLLQGLVSKGNWMAGYTLITEFVGSGSRRTVAIMY
QMAFTVGLVALTGLAYALPHWRWLQLAVSLPTFLFLLYYWCVPESPRWLLSQKRNTEAIKIMDHIAQKNGKLPPADLKML
SLEEDVTEKLSPSFADLFRTPRLRKRTFILMYLWFTDSVLYQGLILHMGATSGNLYLDFLYSALVEIPGAFIALITIDRV
GRIYPMAMSNLLAGAACLVMIFISPDLHWLNIIIMCVGRMGITIAIQMICLVNAELYPTFVRNLGVMVCSSLCDIGGIIT
PFIVFRLREVWQALPLILFAVLGLLAAGVTLLLPETKGVALPETMKDAENLGRKAKPKENTIYLKVQTSEPSGTEDQVDP
RLIDGK
;
_entity_poly.pdbx_strand_id   A
#
loop_
_chem_comp.id
_chem_comp.type
_chem_comp.name
_chem_comp.formula
SNL non-polymer SPIRONOLACTONE 'C24 H32 O4 S'
#
# COMPACT_ATOMS: atom_id res chain seq x y z
N THR A 3 -34.37 1.13 -5.84
CA THR A 3 -34.87 1.47 -7.16
C THR A 3 -33.80 2.20 -7.97
N VAL A 4 -32.65 2.43 -7.35
CA VAL A 4 -31.54 3.09 -8.04
C VAL A 4 -30.98 2.21 -9.15
N ASP A 5 -30.94 0.89 -8.91
CA ASP A 5 -30.42 -0.03 -9.92
C ASP A 5 -31.33 -0.09 -11.15
N ASP A 6 -32.64 0.02 -10.95
CA ASP A 6 -33.57 0.03 -12.08
C ASP A 6 -33.37 1.27 -12.95
N ILE A 7 -33.20 2.44 -12.32
CA ILE A 7 -32.95 3.66 -13.07
C ILE A 7 -31.60 3.61 -13.78
N LEU A 8 -30.60 2.99 -13.12
CA LEU A 8 -29.29 2.83 -13.76
C LEU A 8 -29.37 1.90 -14.96
N GLU A 9 -30.18 0.83 -14.86
CA GLU A 9 -30.35 -0.08 -15.98
C GLU A 9 -31.10 0.58 -17.13
N GLN A 10 -32.16 1.35 -16.81
CA GLN A 10 -32.93 2.02 -17.87
C GLN A 10 -32.12 3.12 -18.54
N VAL A 11 -31.29 3.84 -17.77
CA VAL A 11 -30.46 4.89 -18.35
C VAL A 11 -29.20 4.32 -18.99
N GLY A 12 -28.85 3.07 -18.69
CA GLY A 12 -27.68 2.44 -19.27
C GLY A 12 -26.47 2.46 -18.37
N GLU A 13 -26.17 1.34 -17.75
CA GLU A 13 -24.98 1.23 -16.90
C GLU A 13 -23.77 0.84 -17.75
N SER A 14 -22.58 1.13 -17.20
CA SER A 14 -21.29 0.89 -17.88
C SER A 14 -21.22 1.57 -19.24
N GLY A 15 -21.72 2.80 -19.31
CA GLY A 15 -21.65 3.59 -20.52
C GLY A 15 -20.33 4.30 -20.67
N TRP A 16 -20.28 5.20 -21.66
CA TRP A 16 -19.05 5.96 -21.93
C TRP A 16 -18.72 6.91 -20.78
N PHE A 17 -19.74 7.53 -20.18
CA PHE A 17 -19.53 8.33 -18.99
C PHE A 17 -18.99 7.48 -17.84
N GLN A 18 -19.43 6.23 -17.76
CA GLN A 18 -18.89 5.32 -16.74
C GLN A 18 -17.42 5.02 -16.99
N LYS A 19 -17.02 4.87 -18.27
CA LYS A 19 -15.60 4.70 -18.57
C LYS A 19 -14.78 5.93 -18.20
N GLN A 20 -15.31 7.12 -18.50
CA GLN A 20 -14.63 8.36 -18.15
C GLN A 20 -14.47 8.49 -16.63
N ALA A 21 -15.55 8.24 -15.89
CA ALA A 21 -15.51 8.30 -14.43
C ALA A 21 -14.57 7.23 -13.87
N PHE A 22 -14.57 6.04 -14.49
CA PHE A 22 -13.69 4.96 -14.09
C PHE A 22 -12.23 5.36 -14.23
N LEU A 23 -11.88 5.98 -15.36
CA LEU A 23 -10.49 6.42 -15.55
C LEU A 23 -10.11 7.53 -14.57
N ILE A 24 -10.99 8.51 -14.38
CA ILE A 24 -10.58 9.69 -13.60
C ILE A 24 -10.55 9.35 -12.11
N LEU A 25 -11.37 8.37 -11.68
CA LEU A 25 -11.34 7.93 -10.29
C LEU A 25 -10.26 6.87 -10.05
N CYS A 26 -9.93 6.09 -11.09
CA CYS A 26 -8.84 5.14 -10.94
C CYS A 26 -7.53 5.90 -10.94
N LEU A 27 -7.60 7.21 -11.20
CA LEU A 27 -6.39 8.03 -11.17
C LEU A 27 -5.82 8.00 -9.77
N LEU A 28 -6.70 8.12 -8.77
CA LEU A 28 -6.25 8.09 -7.39
C LEU A 28 -5.50 6.82 -7.13
N SER A 29 -6.05 5.70 -7.61
CA SER A 29 -5.41 4.41 -7.40
C SER A 29 -4.00 4.37 -8.01
N ALA A 30 -3.76 5.15 -9.06
CA ALA A 30 -2.42 5.19 -9.62
C ALA A 30 -1.53 6.17 -8.86
N ALA A 31 -2.12 7.22 -8.29
CA ALA A 31 -1.40 8.17 -7.46
C ALA A 31 -1.45 7.81 -5.97
N PHE A 32 -1.59 6.53 -5.64
CA PHE A 32 -1.62 6.06 -4.25
C PHE A 32 -0.47 5.14 -3.90
N ALA A 33 0.06 4.40 -4.87
CA ALA A 33 1.21 3.54 -4.62
C ALA A 33 2.48 4.27 -4.15
N PRO A 34 2.88 5.44 -4.69
CA PRO A 34 4.06 6.11 -4.12
C PRO A 34 3.90 6.55 -2.67
N ILE A 35 2.68 6.76 -2.20
CA ILE A 35 2.48 7.04 -0.77
C ILE A 35 2.72 5.78 0.05
N CYS A 36 2.19 4.65 -0.39
CA CYS A 36 2.26 3.42 0.39
C CYS A 36 3.66 2.81 0.34
N VAL A 37 4.14 2.46 -0.85
CA VAL A 37 5.35 1.68 -1.03
C VAL A 37 6.47 2.51 -1.68
N GLY A 38 6.39 3.83 -1.58
CA GLY A 38 7.43 4.68 -2.16
C GLY A 38 8.74 4.67 -1.40
N ILE A 39 8.76 4.06 -0.21
CA ILE A 39 9.99 3.96 0.58
C ILE A 39 11.01 3.04 -0.09
N VAL A 40 10.56 2.18 -1.01
CA VAL A 40 11.47 1.28 -1.71
C VAL A 40 12.42 2.07 -2.60
N PHE A 41 11.93 3.15 -3.21
CA PHE A 41 12.75 3.97 -4.08
C PHE A 41 13.17 5.31 -3.48
N LEU A 42 12.41 5.83 -2.52
CA LEU A 42 12.83 7.04 -1.81
C LEU A 42 13.80 6.76 -0.67
N GLY A 43 13.83 5.52 -0.17
CA GLY A 43 14.65 5.20 0.97
C GLY A 43 15.52 3.97 0.76
N PHE A 44 15.95 3.73 -0.47
CA PHE A 44 16.88 2.64 -0.74
C PHE A 44 18.24 2.95 -0.14
N THR A 45 18.89 1.92 0.41
CA THR A 45 20.14 2.10 1.10
C THR A 45 21.29 1.61 0.23
N PRO A 46 22.11 2.48 -0.34
CA PRO A 46 23.22 2.03 -1.16
C PRO A 46 24.41 1.57 -0.31
N ASP A 47 25.44 1.09 -1.00
CA ASP A 47 26.68 0.70 -0.33
C ASP A 47 27.38 1.92 0.23
N HIS A 48 27.83 1.82 1.48
CA HIS A 48 28.37 2.96 2.20
C HIS A 48 29.49 2.51 3.12
N HIS A 49 30.33 3.46 3.50
CA HIS A 49 31.38 3.21 4.49
C HIS A 49 31.78 4.55 5.11
N CYS A 50 32.67 4.48 6.09
CA CYS A 50 33.13 5.67 6.79
C CYS A 50 33.99 6.53 5.86
N GLN A 51 33.87 7.85 6.04
CA GLN A 51 34.62 8.81 5.23
C GLN A 51 35.93 9.14 5.95
N SER A 52 37.05 8.76 5.34
CA SER A 52 38.36 9.04 5.90
C SER A 52 39.07 10.08 5.02
N PRO A 53 39.43 11.25 5.55
CA PRO A 53 40.12 12.25 4.72
C PRO A 53 41.49 11.81 4.23
N GLY A 54 42.20 10.97 4.99
CA GLY A 54 43.52 10.54 4.57
C GLY A 54 43.50 9.54 3.43
N VAL A 55 42.39 8.84 3.25
CA VAL A 55 42.27 7.86 2.17
C VAL A 55 42.25 8.56 0.82
N ALA A 56 41.54 9.69 0.74
CA ALA A 56 41.42 10.42 -0.52
C ALA A 56 42.76 10.99 -0.97
N GLU A 57 43.61 11.37 -0.02
CA GLU A 57 44.94 11.89 -0.37
C GLU A 57 45.79 10.81 -1.03
N LEU A 58 45.78 9.59 -0.46
CA LEU A 58 46.53 8.48 -1.07
C LEU A 58 45.93 8.06 -2.40
N SER A 59 44.60 8.10 -2.50
CA SER A 59 43.94 7.77 -3.76
C SER A 59 44.28 8.76 -4.86
N GLN A 60 44.38 10.06 -4.51
CA GLN A 60 44.79 11.05 -5.49
C GLN A 60 46.28 10.94 -5.80
N ARG A 61 47.07 10.49 -4.82
CA ARG A 61 48.51 10.35 -5.04
C ARG A 61 48.81 9.21 -6.02
N CYS A 62 48.22 8.04 -5.78
CA CYS A 62 48.54 6.86 -6.57
C CYS A 62 47.56 6.60 -7.72
N GLY A 63 46.48 7.37 -7.81
CA GLY A 63 45.51 7.18 -8.88
C GLY A 63 44.79 5.84 -8.84
N TRP A 64 44.37 5.42 -7.64
CA TRP A 64 43.78 4.10 -7.49
C TRP A 64 42.36 4.06 -8.04
N SER A 65 42.02 2.93 -8.68
CA SER A 65 40.66 2.67 -9.10
C SER A 65 39.77 2.46 -7.86
N PRO A 66 38.48 2.79 -7.96
CA PRO A 66 37.62 2.73 -6.75
C PRO A 66 37.46 1.34 -6.15
N ALA A 67 37.70 0.27 -6.92
CA ALA A 67 37.50 -1.09 -6.40
C ALA A 67 38.54 -1.43 -5.34
N GLU A 68 39.83 -1.41 -5.71
CA GLU A 68 40.87 -1.74 -4.74
C GLU A 68 41.06 -0.63 -3.73
N GLU A 69 40.70 0.61 -4.07
CA GLU A 69 40.69 1.69 -3.08
C GLU A 69 39.65 1.44 -2.00
N LEU A 70 38.46 0.96 -2.40
CA LEU A 70 37.45 0.58 -1.42
C LEU A 70 37.90 -0.64 -0.63
N ASN A 71 38.59 -1.58 -1.28
CA ASN A 71 39.07 -2.77 -0.58
C ASN A 71 40.12 -2.42 0.47
N TYR A 72 41.03 -1.51 0.15
CA TYR A 72 42.09 -1.12 1.09
C TYR A 72 41.66 -0.01 2.04
N THR A 73 40.51 0.62 1.80
CA THR A 73 40.07 1.74 2.62
C THR A 73 39.19 1.28 3.77
N VAL A 74 38.19 0.45 3.49
CA VAL A 74 37.27 0.00 4.54
C VAL A 74 37.98 -1.05 5.40
N PRO A 75 37.66 -1.15 6.69
CA PRO A 75 38.20 -2.27 7.47
C PRO A 75 37.53 -3.59 7.15
N GLY A 76 36.20 -3.58 7.02
CA GLY A 76 35.45 -4.78 6.73
C GLY A 76 35.28 -5.06 5.25
N LEU A 77 36.34 -5.54 4.60
CA LEU A 77 36.24 -5.94 3.19
C LEU A 77 35.27 -7.10 3.03
N GLY A 78 35.32 -8.07 3.94
CA GLY A 78 34.31 -9.11 4.01
C GLY A 78 33.19 -8.71 4.93
N PRO A 79 31.97 -8.59 4.37
CA PRO A 79 30.84 -8.13 5.20
C PRO A 79 30.42 -9.12 6.28
N ALA A 80 30.35 -10.42 5.93
CA ALA A 80 29.96 -11.49 6.85
C ALA A 80 28.58 -11.24 7.46
N GLY A 81 27.66 -10.72 6.65
CA GLY A 81 26.30 -10.51 7.10
C GLY A 81 26.03 -9.16 7.72
N GLU A 82 26.60 -8.93 8.92
CA GLU A 82 26.30 -7.69 9.64
C GLU A 82 26.96 -6.48 8.98
N ALA A 83 28.18 -6.64 8.47
CA ALA A 83 28.98 -5.60 7.83
C ALA A 83 29.19 -4.38 8.71
N PHE A 84 29.29 -4.57 10.03
CA PHE A 84 29.57 -3.46 10.93
C PHE A 84 31.02 -3.01 10.81
N LEU A 85 31.93 -3.93 10.48
CA LEU A 85 33.33 -3.58 10.30
C LEU A 85 33.58 -2.81 9.00
N GLY A 86 32.63 -2.83 8.07
CA GLY A 86 32.81 -2.14 6.81
C GLY A 86 32.01 -0.85 6.69
N GLN A 87 30.78 -0.86 7.23
CA GLN A 87 29.88 0.28 7.08
C GLN A 87 29.78 1.14 8.34
N CYS A 88 30.48 0.77 9.42
CA CYS A 88 30.45 1.58 10.63
C CYS A 88 31.85 1.87 11.14
N ARG A 89 32.79 0.98 10.87
CA ARG A 89 34.15 1.10 11.42
C ARG A 89 34.98 2.04 10.57
N ARG A 90 35.78 2.88 11.24
CA ARG A 90 36.72 3.78 10.59
C ARG A 90 38.12 3.49 11.11
N TYR A 91 39.09 3.56 10.21
CA TYR A 91 40.49 3.33 10.57
C TYR A 91 41.00 4.51 11.38
N GLU A 92 41.26 4.28 12.67
CA GLU A 92 41.78 5.35 13.52
C GLU A 92 43.22 5.69 13.17
N VAL A 93 43.94 4.76 12.54
CA VAL A 93 45.29 5.04 12.05
C VAL A 93 45.19 6.01 10.88
N ASP A 94 46.04 7.04 10.90
CA ASP A 94 45.99 8.06 9.86
C ASP A 94 46.47 7.52 8.51
N TRP A 95 45.88 8.07 7.45
CA TRP A 95 46.24 7.69 6.09
C TRP A 95 46.71 8.86 5.25
N ASN A 96 46.78 10.07 5.82
CA ASN A 96 47.29 11.22 5.07
C ASN A 96 48.77 11.08 4.77
N GLN A 97 49.53 10.48 5.68
CA GLN A 97 50.95 10.23 5.46
C GLN A 97 51.13 9.14 4.41
N SER A 98 52.31 9.15 3.77
CA SER A 98 52.60 8.17 2.73
C SER A 98 52.75 6.78 3.33
N ALA A 99 52.00 5.82 2.78
CA ALA A 99 52.04 4.46 3.26
C ALA A 99 53.28 3.73 2.73
N LEU A 100 53.53 2.55 3.29
CA LEU A 100 54.66 1.74 2.82
C LEU A 100 54.44 1.26 1.39
N SER A 101 53.23 0.85 1.06
CA SER A 101 52.88 0.44 -0.30
C SER A 101 51.45 0.87 -0.56
N CYS A 102 51.26 1.82 -1.49
CA CYS A 102 49.93 2.35 -1.75
C CYS A 102 49.00 1.35 -2.43
N VAL A 103 49.55 0.30 -3.03
CA VAL A 103 48.74 -0.75 -3.63
C VAL A 103 48.29 -1.71 -2.53
N ASP A 104 47.09 -1.48 -2.00
CA ASP A 104 46.48 -2.22 -0.89
C ASP A 104 47.41 -2.26 0.33
N PRO A 105 47.55 -1.16 1.07
CA PRO A 105 48.46 -1.15 2.23
C PRO A 105 47.96 -2.05 3.35
N LEU A 106 48.91 -2.75 3.98
CA LEU A 106 48.61 -3.59 5.13
C LEU A 106 49.69 -3.50 6.20
N ALA A 107 50.38 -2.36 6.31
CA ALA A 107 51.50 -2.21 7.24
C ALA A 107 51.07 -1.83 8.65
N SER A 108 49.76 -1.65 8.88
CA SER A 108 49.30 -1.30 10.23
C SER A 108 49.51 -2.45 11.20
N LEU A 109 49.25 -3.68 10.76
CA LEU A 109 49.42 -4.87 11.59
C LEU A 109 49.61 -6.08 10.67
N ALA A 110 49.57 -7.27 11.26
CA ALA A 110 49.63 -8.49 10.45
C ALA A 110 48.39 -8.62 9.58
N THR A 111 47.21 -8.35 10.14
CA THR A 111 45.97 -8.32 9.38
C THR A 111 45.45 -6.90 9.17
N ASN A 112 46.16 -5.89 9.68
CA ASN A 112 45.88 -4.46 9.56
C ASN A 112 44.56 -4.03 10.21
N ARG A 113 43.88 -4.91 10.93
CA ARG A 113 42.63 -4.55 11.59
C ARG A 113 42.60 -5.02 13.03
N SER A 114 43.38 -6.08 13.33
CA SER A 114 43.37 -6.65 14.67
C SER A 114 44.04 -5.73 15.67
N HIS A 115 45.22 -5.20 15.32
CA HIS A 115 45.93 -4.29 16.22
C HIS A 115 45.57 -2.83 15.96
N LEU A 116 45.14 -2.50 14.74
CA LEU A 116 44.73 -1.14 14.42
C LEU A 116 43.37 -0.88 15.04
N PRO A 117 43.21 0.18 15.84
CA PRO A 117 41.91 0.47 16.44
C PRO A 117 40.89 0.89 15.39
N LEU A 118 39.63 0.54 15.63
CA LEU A 118 38.53 0.82 14.71
C LEU A 118 37.54 1.74 15.41
N GLY A 119 37.42 2.97 14.92
CA GLY A 119 36.51 3.93 15.49
C GLY A 119 35.26 4.10 14.66
N PRO A 120 34.29 4.84 15.17
CA PRO A 120 33.06 5.10 14.42
C PRO A 120 33.28 6.18 13.37
N CYS A 121 32.23 6.42 12.58
CA CYS A 121 32.26 7.47 11.57
C CYS A 121 32.29 8.84 12.23
N GLN A 122 33.17 9.70 11.74
CA GLN A 122 33.31 11.05 12.28
C GLN A 122 33.17 12.13 11.21
N ASP A 123 33.62 11.86 9.99
CA ASP A 123 33.54 12.82 8.91
C ASP A 123 32.28 12.66 8.07
N GLY A 124 31.40 11.71 8.42
CA GLY A 124 30.19 11.48 7.66
C GLY A 124 30.18 10.16 6.95
N TRP A 125 29.60 10.11 5.75
CA TRP A 125 29.53 8.89 4.97
C TRP A 125 29.64 9.24 3.49
N VAL A 126 30.08 8.25 2.71
CA VAL A 126 30.05 8.32 1.25
C VAL A 126 29.15 7.20 0.76
N TYR A 127 28.62 7.36 -0.46
CA TYR A 127 27.66 6.43 -1.03
C TYR A 127 28.02 6.13 -2.47
N ASP A 128 27.96 4.85 -2.85
CA ASP A 128 28.31 4.43 -4.20
C ASP A 128 27.05 4.35 -5.06
N THR A 129 26.52 5.54 -5.38
CA THR A 129 25.35 5.65 -6.23
C THR A 129 25.36 7.00 -6.93
N PRO A 130 24.92 7.08 -8.18
CA PRO A 130 24.86 8.39 -8.86
C PRO A 130 23.73 9.28 -8.38
N GLY A 131 22.74 8.74 -7.67
CA GLY A 131 21.60 9.50 -7.21
C GLY A 131 21.61 9.74 -5.72
N SER A 132 20.45 10.14 -5.21
CA SER A 132 20.27 10.45 -3.80
C SER A 132 19.08 9.69 -3.26
N SER A 133 18.94 9.73 -1.93
CA SER A 133 17.86 9.06 -1.23
C SER A 133 17.70 9.72 0.14
N ILE A 134 16.83 9.13 0.97
CA ILE A 134 16.65 9.63 2.33
C ILE A 134 17.90 9.35 3.17
N VAL A 135 18.41 8.12 3.09
CA VAL A 135 19.59 7.75 3.87
C VAL A 135 20.84 8.40 3.29
N THR A 136 20.80 8.79 2.02
CA THR A 136 21.91 9.53 1.43
C THR A 136 21.96 10.95 1.96
N GLU A 137 20.80 11.61 2.03
CA GLU A 137 20.76 13.00 2.48
C GLU A 137 20.96 13.12 3.98
N PHE A 138 20.36 12.22 4.77
CA PHE A 138 20.30 12.39 6.22
C PHE A 138 21.18 11.42 7.00
N ASN A 139 21.96 10.58 6.31
CA ASN A 139 22.93 9.66 6.93
C ASN A 139 22.26 8.70 7.92
N LEU A 140 21.40 7.83 7.37
CA LEU A 140 20.58 6.92 8.16
C LEU A 140 21.00 5.47 7.97
N VAL A 141 22.30 5.20 7.97
CA VAL A 141 22.83 3.91 7.52
C VAL A 141 23.40 3.06 8.66
N CYS A 142 24.14 3.66 9.60
CA CYS A 142 24.87 2.86 10.60
C CYS A 142 24.18 2.84 11.95
N ALA A 143 24.05 3.99 12.59
CA ALA A 143 23.38 4.09 13.89
C ALA A 143 22.00 4.72 13.78
N ASP A 144 21.67 5.32 12.63
CA ASP A 144 20.37 5.91 12.39
C ASP A 144 19.51 5.05 11.47
N SER A 145 19.86 3.77 11.33
CA SER A 145 19.14 2.88 10.42
C SER A 145 17.74 2.57 10.91
N TRP A 146 17.50 2.69 12.22
CA TRP A 146 16.18 2.40 12.77
C TRP A 146 15.17 3.50 12.46
N LYS A 147 15.62 4.71 12.11
CA LYS A 147 14.70 5.78 11.77
C LYS A 147 14.18 5.68 10.34
N LEU A 148 14.74 4.77 9.53
CA LEU A 148 14.18 4.52 8.21
C LEU A 148 12.82 3.84 8.31
N ASP A 149 12.66 2.96 9.29
CA ASP A 149 11.37 2.30 9.53
C ASP A 149 10.35 3.26 10.12
N LEU A 150 10.80 4.38 10.70
CA LEU A 150 9.88 5.38 11.25
C LEU A 150 9.03 6.01 10.16
N PHE A 151 9.51 6.03 8.92
CA PHE A 151 8.72 6.44 7.76
C PHE A 151 7.44 5.64 7.65
N GLN A 152 7.58 4.31 7.53
CA GLN A 152 6.42 3.44 7.41
C GLN A 152 5.60 3.41 8.70
N SER A 153 6.25 3.56 9.86
CA SER A 153 5.53 3.55 11.13
C SER A 153 4.61 4.78 11.24
N CYS A 154 5.14 5.96 10.92
CA CYS A 154 4.32 7.17 10.94
C CYS A 154 3.24 7.12 9.86
N LEU A 155 3.57 6.54 8.70
CA LEU A 155 2.59 6.39 7.63
C LEU A 155 1.43 5.51 8.06
N ASN A 156 1.70 4.40 8.76
CA ASN A 156 0.64 3.50 9.17
C ASN A 156 -0.15 4.03 10.36
N ALA A 157 0.51 4.76 11.28
CA ALA A 157 -0.23 5.41 12.36
C ALA A 157 -1.17 6.48 11.82
N GLY A 158 -0.69 7.27 10.86
CA GLY A 158 -1.56 8.19 10.16
C GLY A 158 -2.66 7.48 9.39
N PHE A 159 -2.33 6.34 8.81
CA PHE A 159 -3.37 5.56 8.14
C PHE A 159 -4.48 5.31 9.12
N LEU A 160 -4.17 4.67 10.24
CA LEU A 160 -5.19 4.32 11.22
C LEU A 160 -6.04 5.52 11.63
N PHE A 161 -5.37 6.56 12.16
CA PHE A 161 -6.10 7.71 12.72
C PHE A 161 -6.89 8.45 11.65
N GLY A 162 -6.23 8.81 10.55
CA GLY A 162 -6.90 9.50 9.48
C GLY A 162 -7.85 8.63 8.68
N SER A 163 -7.69 7.31 8.73
CA SER A 163 -8.68 6.44 8.13
C SER A 163 -9.99 6.53 8.87
N LEU A 164 -9.94 6.46 10.21
CA LEU A 164 -11.16 6.64 10.99
C LEU A 164 -11.76 8.03 10.79
N GLY A 165 -10.92 9.07 10.86
CA GLY A 165 -11.42 10.43 10.74
C GLY A 165 -12.01 10.74 9.37
N VAL A 166 -11.29 10.36 8.31
CA VAL A 166 -11.74 10.64 6.95
C VAL A 166 -12.90 9.72 6.57
N GLY A 167 -13.00 8.53 7.15
CA GLY A 167 -14.18 7.71 6.94
C GLY A 167 -15.43 8.37 7.49
N TYR A 168 -15.34 8.91 8.71
CA TYR A 168 -16.48 9.65 9.25
C TYR A 168 -16.77 10.91 8.45
N PHE A 169 -15.71 11.61 8.01
CA PHE A 169 -15.88 12.82 7.20
C PHE A 169 -16.56 12.52 5.87
N ALA A 170 -16.15 11.43 5.22
CA ALA A 170 -16.73 11.05 3.93
C ALA A 170 -18.17 10.60 4.09
N ASP A 171 -18.48 9.93 5.20
CA ASP A 171 -19.86 9.54 5.42
C ASP A 171 -20.75 10.75 5.73
N ARG A 172 -20.21 11.72 6.48
CA ARG A 172 -21.04 12.85 6.91
C ARG A 172 -21.22 13.88 5.81
N PHE A 173 -20.12 14.31 5.17
CA PHE A 173 -20.16 15.40 4.22
C PHE A 173 -20.11 14.94 2.78
N GLY A 174 -20.30 13.65 2.51
CA GLY A 174 -20.35 13.16 1.16
C GLY A 174 -19.00 12.76 0.61
N ARG A 175 -19.02 12.20 -0.59
CA ARG A 175 -17.80 11.70 -1.21
C ARG A 175 -17.02 12.82 -1.88
N LYS A 176 -17.72 13.81 -2.44
CA LYS A 176 -17.08 14.85 -3.23
C LYS A 176 -16.26 15.80 -2.36
N LEU A 177 -16.82 16.20 -1.21
CA LEU A 177 -16.12 17.09 -0.29
C LEU A 177 -14.92 16.38 0.33
N CYS A 178 -15.07 15.09 0.64
CA CYS A 178 -13.95 14.30 1.13
C CYS A 178 -12.86 14.19 0.08
N LEU A 179 -13.24 14.01 -1.19
CA LEU A 179 -12.27 13.98 -2.27
C LEU A 179 -11.51 15.30 -2.36
N LEU A 180 -12.23 16.42 -2.27
CA LEU A 180 -11.59 17.74 -2.24
C LEU A 180 -10.58 17.85 -1.10
N GLY A 181 -11.01 17.57 0.13
CA GLY A 181 -10.13 17.78 1.28
C GLY A 181 -8.91 16.86 1.26
N THR A 182 -9.14 15.57 0.99
CA THR A 182 -8.03 14.62 1.04
C THR A 182 -7.07 14.81 -0.12
N VAL A 183 -7.57 15.18 -1.29
CA VAL A 183 -6.68 15.42 -2.42
C VAL A 183 -5.87 16.70 -2.20
N LEU A 184 -6.49 17.75 -1.63
CA LEU A 184 -5.75 18.96 -1.29
C LEU A 184 -4.63 18.69 -0.28
N VAL A 185 -4.95 17.96 0.79
CA VAL A 185 -3.94 17.69 1.82
C VAL A 185 -2.87 16.75 1.29
N ASN A 186 -3.24 15.79 0.42
CA ASN A 186 -2.25 14.91 -0.20
C ASN A 186 -1.28 15.68 -1.08
N ALA A 187 -1.81 16.60 -1.91
CA ALA A 187 -0.94 17.39 -2.77
C ALA A 187 -0.02 18.31 -1.96
N VAL A 188 -0.56 18.95 -0.93
CA VAL A 188 0.24 19.82 -0.06
C VAL A 188 1.31 19.00 0.66
N SER A 189 0.93 17.83 1.17
CA SER A 189 1.86 17.00 1.92
C SER A 189 2.99 16.49 1.03
N GLY A 190 2.69 16.12 -0.21
CA GLY A 190 3.75 15.75 -1.14
C GLY A 190 4.66 16.92 -1.52
N VAL A 191 4.05 18.09 -1.73
CA VAL A 191 4.81 19.27 -2.17
C VAL A 191 5.81 19.70 -1.10
N LEU A 192 5.37 19.76 0.16
CA LEU A 192 6.32 20.04 1.23
C LEU A 192 7.05 18.79 1.75
N MET A 193 6.71 17.60 1.27
CA MET A 193 7.59 16.45 1.44
C MET A 193 8.87 16.65 0.65
N ALA A 194 8.74 17.09 -0.60
CA ALA A 194 9.91 17.22 -1.45
C ALA A 194 10.78 18.42 -1.09
N PHE A 195 10.29 19.33 -0.25
CA PHE A 195 11.06 20.49 0.20
C PHE A 195 11.17 20.51 1.71
N SER A 196 11.41 19.35 2.30
CA SER A 196 11.54 19.24 3.76
C SER A 196 13.00 19.32 4.15
N PRO A 197 13.41 20.31 4.95
CA PRO A 197 14.83 20.44 5.30
C PRO A 197 15.32 19.37 6.26
N ASN A 198 14.52 19.08 7.29
CA ASN A 198 14.89 18.12 8.32
C ASN A 198 14.04 16.86 8.20
N TYR A 199 14.45 15.84 8.98
CA TYR A 199 13.73 14.57 8.96
C TYR A 199 12.42 14.65 9.75
N MET A 200 12.36 15.52 10.75
CA MET A 200 11.14 15.65 11.56
C MET A 200 10.00 16.24 10.73
N SER A 201 10.31 17.19 9.86
CA SER A 201 9.30 17.74 8.97
C SER A 201 8.78 16.67 8.01
N MET A 202 9.67 15.84 7.50
CA MET A 202 9.26 14.75 6.64
C MET A 202 8.34 13.84 7.41
N LEU A 203 8.71 13.50 8.63
CA LEU A 203 7.90 12.59 9.45
C LEU A 203 6.50 13.16 9.68
N LEU A 204 6.41 14.47 9.97
CA LEU A 204 5.11 15.10 10.16
C LEU A 204 4.28 15.08 8.88
N PHE A 205 4.92 15.36 7.74
CA PHE A 205 4.19 15.33 6.48
C PHE A 205 3.82 13.91 6.07
N ARG A 206 4.64 12.92 6.43
CA ARG A 206 4.28 11.53 6.22
C ARG A 206 3.09 11.13 7.08
N LEU A 207 3.03 11.66 8.31
CA LEU A 207 1.86 11.47 9.15
C LEU A 207 0.61 12.05 8.50
N LEU A 208 0.72 13.26 7.94
CA LEU A 208 -0.43 13.88 7.26
C LEU A 208 -0.85 13.09 6.02
N GLN A 209 0.13 12.62 5.24
CA GLN A 209 -0.16 11.80 4.06
C GLN A 209 -0.85 10.50 4.45
N GLY A 210 -0.41 9.88 5.55
CA GLY A 210 -1.12 8.72 6.07
C GLY A 210 -2.52 9.07 6.53
N LEU A 211 -2.70 10.27 7.07
CA LEU A 211 -4.04 10.69 7.50
C LEU A 211 -5.01 10.77 6.34
N VAL A 212 -4.56 11.28 5.20
CA VAL A 212 -5.55 11.56 4.14
C VAL A 212 -5.56 10.56 2.98
N SER A 213 -4.45 9.84 2.75
CA SER A 213 -4.29 9.10 1.50
C SER A 213 -5.19 7.87 1.41
N LYS A 214 -5.22 7.07 2.49
CA LYS A 214 -6.05 5.85 2.48
C LYS A 214 -7.52 6.19 2.41
N GLY A 215 -7.94 7.23 3.13
CA GLY A 215 -9.32 7.68 3.04
C GLY A 215 -9.67 8.19 1.67
N ASN A 216 -8.76 8.91 1.01
CA ASN A 216 -8.98 9.37 -0.36
C ASN A 216 -9.16 8.20 -1.31
N TRP A 217 -8.25 7.21 -1.23
CA TRP A 217 -8.30 6.06 -2.10
C TRP A 217 -9.59 5.27 -1.92
N MET A 218 -9.98 5.02 -0.68
CA MET A 218 -11.13 4.14 -0.51
C MET A 218 -12.45 4.91 -0.59
N ALA A 219 -12.43 6.24 -0.41
CA ALA A 219 -13.61 7.02 -0.77
C ALA A 219 -13.84 7.01 -2.28
N GLY A 220 -12.77 7.12 -3.07
CA GLY A 220 -12.91 6.97 -4.51
C GLY A 220 -13.37 5.57 -4.89
N TYR A 221 -12.85 4.55 -4.21
CA TYR A 221 -13.27 3.17 -4.45
C TYR A 221 -14.75 2.97 -4.10
N THR A 222 -15.20 3.56 -2.99
CA THR A 222 -16.59 3.45 -2.59
C THR A 222 -17.52 4.14 -3.57
N LEU A 223 -17.12 5.33 -4.04
CA LEU A 223 -17.90 6.05 -5.05
C LEU A 223 -17.98 5.26 -6.36
N ILE A 224 -16.85 4.71 -6.80
CA ILE A 224 -16.83 3.98 -8.07
C ILE A 224 -17.51 2.63 -7.94
N THR A 225 -17.65 2.11 -6.72
CA THR A 225 -18.39 0.87 -6.52
C THR A 225 -19.89 1.13 -6.48
N GLU A 226 -20.31 2.19 -5.78
CA GLU A 226 -21.73 2.52 -5.67
C GLU A 226 -22.30 3.03 -6.97
N PHE A 227 -21.48 3.63 -7.83
CA PHE A 227 -22.00 4.23 -9.06
C PHE A 227 -22.52 3.21 -10.07
N VAL A 228 -21.86 2.07 -10.17
CA VAL A 228 -22.26 1.06 -11.14
C VAL A 228 -23.36 0.18 -10.56
N GLY A 229 -23.98 -0.63 -11.42
CA GLY A 229 -25.06 -1.51 -11.01
C GLY A 229 -24.56 -2.77 -10.32
N SER A 230 -25.45 -3.76 -10.26
CA SER A 230 -25.15 -4.99 -9.54
C SER A 230 -24.15 -5.86 -10.30
N GLY A 231 -24.26 -5.89 -11.62
CA GLY A 231 -23.42 -6.77 -12.42
C GLY A 231 -22.02 -6.27 -12.71
N SER A 232 -21.82 -4.96 -12.72
CA SER A 232 -20.52 -4.37 -13.05
C SER A 232 -19.66 -4.08 -11.84
N ARG A 233 -20.14 -4.43 -10.63
CA ARG A 233 -19.36 -4.18 -9.42
C ARG A 233 -18.05 -4.96 -9.42
N ARG A 234 -18.09 -6.22 -9.89
CA ARG A 234 -16.88 -7.01 -10.02
C ARG A 234 -15.90 -6.39 -11.01
N THR A 235 -16.41 -6.03 -12.20
CA THR A 235 -15.55 -5.53 -13.26
C THR A 235 -14.95 -4.17 -12.91
N VAL A 236 -15.62 -3.39 -12.07
CA VAL A 236 -15.09 -2.11 -11.63
C VAL A 236 -14.14 -2.27 -10.46
N ALA A 237 -14.52 -3.06 -9.45
CA ALA A 237 -13.71 -3.17 -8.24
C ALA A 237 -12.43 -3.96 -8.45
N ILE A 238 -12.39 -4.90 -9.40
CA ILE A 238 -11.14 -5.60 -9.64
C ILE A 238 -10.19 -4.74 -10.46
N MET A 239 -10.70 -4.08 -11.49
CA MET A 239 -9.88 -3.24 -12.37
C MET A 239 -9.55 -1.89 -11.73
N TYR A 240 -10.14 -1.57 -10.57
CA TYR A 240 -9.70 -0.39 -9.83
C TYR A 240 -8.28 -0.57 -9.29
N GLN A 241 -7.90 -1.81 -8.99
CA GLN A 241 -6.54 -2.11 -8.54
C GLN A 241 -5.57 -2.32 -9.70
N MET A 242 -6.09 -2.44 -10.93
CA MET A 242 -5.22 -2.32 -12.11
C MET A 242 -4.59 -0.95 -12.18
N ALA A 243 -5.29 0.07 -11.70
CA ALA A 243 -4.70 1.41 -11.59
C ALA A 243 -3.55 1.42 -10.59
N PHE A 244 -3.70 0.68 -9.50
CA PHE A 244 -2.62 0.60 -8.53
C PHE A 244 -1.42 -0.10 -9.14
N THR A 245 -1.67 -1.21 -9.86
CA THR A 245 -0.57 -1.93 -10.50
C THR A 245 0.12 -1.07 -11.56
N VAL A 246 -0.66 -0.31 -12.34
CA VAL A 246 -0.09 0.60 -13.33
C VAL A 246 0.70 1.70 -12.65
N GLY A 247 0.22 2.18 -11.51
CA GLY A 247 0.97 3.16 -10.73
C GLY A 247 2.27 2.59 -10.18
N LEU A 248 2.26 1.31 -9.80
CA LEU A 248 3.48 0.65 -9.38
C LEU A 248 4.51 0.59 -10.51
N VAL A 249 4.03 0.23 -11.71
CA VAL A 249 4.92 0.16 -12.89
C VAL A 249 5.46 1.54 -13.23
N ALA A 250 4.60 2.55 -13.20
CA ALA A 250 5.02 3.91 -13.52
C ALA A 250 5.96 4.47 -12.46
N LEU A 251 5.74 4.11 -11.19
CA LEU A 251 6.65 4.51 -10.12
C LEU A 251 8.02 3.90 -10.33
N THR A 252 8.08 2.63 -10.71
CA THR A 252 9.36 1.99 -11.01
C THR A 252 10.05 2.66 -12.20
N GLY A 253 9.28 2.97 -13.25
CA GLY A 253 9.86 3.59 -14.43
C GLY A 253 10.40 4.99 -14.17
N LEU A 254 9.62 5.80 -13.44
CA LEU A 254 10.07 7.15 -13.11
C LEU A 254 11.17 7.15 -12.05
N ALA A 255 11.23 6.11 -11.21
CA ALA A 255 12.35 6.00 -10.27
C ALA A 255 13.63 5.62 -10.99
N TYR A 256 13.53 4.79 -12.03
CA TYR A 256 14.70 4.52 -12.86
C TYR A 256 15.09 5.75 -13.66
N ALA A 257 14.10 6.54 -14.09
CA ALA A 257 14.40 7.75 -14.84
C ALA A 257 14.99 8.84 -13.94
N LEU A 258 14.45 9.00 -12.74
CA LEU A 258 14.92 10.03 -11.80
C LEU A 258 15.61 9.38 -10.62
N PRO A 259 16.95 9.42 -10.54
CA PRO A 259 17.62 8.80 -9.39
C PRO A 259 17.44 9.55 -8.10
N HIS A 260 17.35 10.88 -8.16
CA HIS A 260 17.16 11.67 -6.95
C HIS A 260 15.73 11.55 -6.43
N TRP A 261 15.59 11.52 -5.10
CA TRP A 261 14.29 11.29 -4.49
C TRP A 261 13.39 12.53 -4.53
N ARG A 262 13.97 13.72 -4.52
CA ARG A 262 13.17 14.95 -4.59
C ARG A 262 12.49 15.08 -5.94
N TRP A 263 13.22 14.76 -7.02
CA TRP A 263 12.62 14.76 -8.35
C TRP A 263 11.55 13.68 -8.47
N LEU A 264 11.77 12.53 -7.81
CA LEU A 264 10.77 11.48 -7.79
C LEU A 264 9.50 11.92 -7.07
N GLN A 265 9.65 12.68 -5.99
CA GLN A 265 8.46 13.16 -5.27
C GLN A 265 7.73 14.24 -6.07
N LEU A 266 8.48 15.03 -6.85
CA LEU A 266 7.84 16.00 -7.72
C LEU A 266 7.07 15.25 -8.79
N ALA A 267 7.65 14.17 -9.32
CA ALA A 267 7.00 13.42 -10.39
C ALA A 267 5.74 12.70 -9.88
N VAL A 268 5.78 12.16 -8.66
CA VAL A 268 4.63 11.43 -8.14
C VAL A 268 3.61 12.34 -7.46
N SER A 269 3.91 13.62 -7.28
CA SER A 269 2.93 14.56 -6.77
C SER A 269 2.11 15.23 -7.86
N LEU A 270 2.35 14.90 -9.13
CA LEU A 270 1.68 15.50 -10.27
C LEU A 270 0.29 14.96 -10.62
N PRO A 271 0.02 13.63 -10.59
CA PRO A 271 -1.36 13.18 -10.89
C PRO A 271 -2.41 13.70 -9.94
N THR A 272 -2.04 13.97 -8.68
CA THR A 272 -2.97 14.58 -7.74
C THR A 272 -3.37 16.00 -8.20
N PHE A 273 -2.40 16.78 -8.65
CA PHE A 273 -2.70 18.12 -9.15
C PHE A 273 -3.45 18.06 -10.48
N LEU A 274 -3.18 17.05 -11.30
CA LEU A 274 -3.90 16.96 -12.57
C LEU A 274 -5.34 16.49 -12.33
N PHE A 275 -5.58 15.72 -11.26
CA PHE A 275 -6.96 15.43 -10.86
C PHE A 275 -7.63 16.68 -10.30
N LEU A 276 -6.86 17.51 -9.59
CA LEU A 276 -7.36 18.82 -9.18
C LEU A 276 -7.80 19.66 -10.37
N LEU A 277 -7.01 19.63 -11.45
CA LEU A 277 -7.41 20.28 -12.70
C LEU A 277 -8.66 19.63 -13.28
N TYR A 278 -8.68 18.30 -13.33
CA TYR A 278 -9.87 17.55 -13.72
C TYR A 278 -10.54 16.97 -12.47
N TYR A 279 -11.29 17.83 -11.77
CA TYR A 279 -12.16 17.36 -10.71
C TYR A 279 -13.64 17.42 -11.06
N TRP A 280 -14.08 18.40 -11.85
CA TRP A 280 -15.50 18.67 -12.03
C TRP A 280 -16.21 17.65 -12.93
N CYS A 281 -15.54 16.57 -13.34
CA CYS A 281 -16.15 15.58 -14.23
C CYS A 281 -16.77 14.40 -13.48
N VAL A 282 -16.72 14.39 -12.16
CA VAL A 282 -17.35 13.34 -11.36
C VAL A 282 -18.44 13.97 -10.52
N PRO A 283 -19.64 13.40 -10.47
CA PRO A 283 -20.65 13.83 -9.51
C PRO A 283 -20.68 12.92 -8.28
N GLU A 284 -21.52 13.32 -7.32
CA GLU A 284 -21.67 12.55 -6.09
C GLU A 284 -22.44 11.26 -6.34
N SER A 285 -22.31 10.33 -5.41
CA SER A 285 -23.01 9.05 -5.50
C SER A 285 -24.50 9.25 -5.25
N PRO A 286 -25.37 8.86 -6.19
CA PRO A 286 -26.81 9.07 -5.99
C PRO A 286 -27.41 8.29 -4.84
N ARG A 287 -26.82 7.13 -4.49
CA ARG A 287 -27.32 6.37 -3.35
C ARG A 287 -27.11 7.11 -2.04
N TRP A 288 -25.96 7.78 -1.90
CA TRP A 288 -25.73 8.59 -0.70
C TRP A 288 -26.65 9.80 -0.67
N LEU A 289 -26.94 10.39 -1.83
CA LEU A 289 -27.86 11.52 -1.91
C LEU A 289 -29.28 11.10 -1.53
N LEU A 290 -29.71 9.91 -1.96
CA LEU A 290 -31.00 9.39 -1.53
C LEU A 290 -30.96 8.98 -0.05
N SER A 291 -29.79 8.68 0.47
CA SER A 291 -29.62 8.41 1.89
C SER A 291 -29.44 9.69 2.71
N GLN A 292 -29.71 10.85 2.11
CA GLN A 292 -29.65 12.13 2.81
C GLN A 292 -30.88 12.99 2.56
N LYS A 293 -31.95 12.41 2.01
CA LYS A 293 -33.20 13.07 1.62
C LYS A 293 -32.97 14.20 0.61
N ARG A 294 -31.88 14.13 -0.16
CA ARG A 294 -31.62 15.08 -1.23
C ARG A 294 -32.03 14.46 -2.56
N ASN A 295 -33.35 14.44 -2.77
CA ASN A 295 -33.92 13.75 -3.92
C ASN A 295 -33.64 14.49 -5.23
N THR A 296 -33.79 15.82 -5.23
CA THR A 296 -33.69 16.57 -6.47
C THR A 296 -32.26 16.64 -6.97
N GLU A 297 -31.27 16.52 -6.07
CA GLU A 297 -29.88 16.48 -6.51
C GLU A 297 -29.57 15.16 -7.20
N ALA A 298 -30.11 14.05 -6.67
CA ALA A 298 -29.94 12.77 -7.32
C ALA A 298 -30.66 12.72 -8.67
N ILE A 299 -31.85 13.33 -8.74
CA ILE A 299 -32.58 13.39 -10.01
C ILE A 299 -31.82 14.22 -11.04
N LYS A 300 -31.23 15.34 -10.59
CA LYS A 300 -30.39 16.15 -11.48
C LYS A 300 -29.16 15.38 -11.95
N ILE A 301 -28.57 14.58 -11.06
CA ILE A 301 -27.42 13.76 -11.44
C ILE A 301 -27.81 12.71 -12.47
N MET A 302 -28.96 12.04 -12.27
CA MET A 302 -29.45 11.09 -13.28
C MET A 302 -29.75 11.77 -14.61
N ASP A 303 -30.30 12.99 -14.57
CA ASP A 303 -30.57 13.72 -15.81
C ASP A 303 -29.28 14.10 -16.52
N HIS A 304 -28.25 14.50 -15.76
CA HIS A 304 -26.96 14.82 -16.36
C HIS A 304 -26.30 13.59 -16.96
N ILE A 305 -26.42 12.45 -16.30
CA ILE A 305 -25.88 11.20 -16.83
C ILE A 305 -26.62 10.79 -18.09
N ALA A 306 -27.94 10.97 -18.12
CA ALA A 306 -28.72 10.70 -19.32
C ALA A 306 -28.32 11.63 -20.47
N GLN A 307 -28.07 12.90 -20.16
CA GLN A 307 -27.63 13.84 -21.19
C GLN A 307 -26.26 13.49 -21.74
N LYS A 308 -25.34 13.05 -20.87
CA LYS A 308 -23.99 12.73 -21.33
C LYS A 308 -23.97 11.40 -22.08
N ASN A 309 -24.80 10.44 -21.67
CA ASN A 309 -24.81 9.13 -22.33
C ASN A 309 -25.54 9.13 -23.67
N GLY A 310 -26.29 10.19 -23.99
CA GLY A 310 -27.01 10.27 -25.24
C GLY A 310 -28.36 9.58 -25.26
N LYS A 311 -28.77 8.97 -24.15
CA LYS A 311 -30.07 8.31 -24.05
C LYS A 311 -31.02 9.19 -23.25
N LEU A 312 -32.25 9.32 -23.75
CA LEU A 312 -33.24 10.16 -23.07
C LEU A 312 -33.63 9.53 -21.74
N PRO A 313 -33.82 10.33 -20.68
CA PRO A 313 -34.19 9.77 -19.39
C PRO A 313 -35.60 9.22 -19.43
N PRO A 314 -35.89 8.18 -18.65
CA PRO A 314 -37.24 7.62 -18.62
C PRO A 314 -38.22 8.54 -17.89
N ALA A 315 -39.50 8.27 -18.10
CA ALA A 315 -40.55 9.01 -17.41
C ALA A 315 -40.60 8.70 -15.92
N ASP A 316 -40.08 7.54 -15.51
CA ASP A 316 -40.02 7.15 -14.11
C ASP A 316 -38.76 7.63 -13.42
N LEU A 317 -37.90 8.37 -14.12
CA LEU A 317 -36.70 8.92 -13.50
C LEU A 317 -37.03 9.98 -12.46
N LYS A 318 -38.12 10.72 -12.64
CA LYS A 318 -38.56 11.69 -11.66
C LYS A 318 -39.09 10.97 -10.41
N MET A 319 -39.11 11.72 -9.30
CA MET A 319 -39.50 11.23 -7.98
C MET A 319 -38.67 10.02 -7.56
N LEU A 320 -37.38 10.05 -7.85
CA LEU A 320 -36.47 8.99 -7.43
C LEU A 320 -36.22 9.10 -5.93
N SER A 321 -36.74 8.14 -5.17
CA SER A 321 -36.72 8.21 -3.71
C SER A 321 -36.45 6.83 -3.14
N LEU A 322 -36.09 6.80 -1.86
CA LEU A 322 -35.92 5.55 -1.14
C LEU A 322 -37.28 4.90 -0.90
N GLU A 323 -37.25 3.58 -0.71
CA GLU A 323 -38.49 2.82 -0.56
C GLU A 323 -39.22 3.19 0.73
N GLU A 324 -38.50 3.38 1.83
CA GLU A 324 -39.10 3.66 3.12
C GLU A 324 -38.36 4.82 3.79
N ASP A 325 -38.15 5.90 3.05
CA ASP A 325 -37.46 7.06 3.61
C ASP A 325 -38.36 7.80 4.59
N VAL A 326 -37.93 7.86 5.84
CA VAL A 326 -38.69 8.56 6.88
C VAL A 326 -37.92 9.70 7.52
N THR A 327 -36.60 9.77 7.39
CA THR A 327 -35.82 10.84 8.00
C THR A 327 -34.59 11.09 7.12
N GLU A 328 -33.65 11.87 7.66
CA GLU A 328 -32.43 12.21 6.93
C GLU A 328 -31.54 10.98 6.69
N LYS A 329 -31.64 9.96 7.56
CA LYS A 329 -30.84 8.74 7.54
C LYS A 329 -29.36 9.12 7.70
N LEU A 330 -29.12 10.17 8.48
CA LEU A 330 -27.76 10.58 8.83
C LEU A 330 -27.45 10.01 10.21
N SER A 331 -27.03 8.75 10.24
CA SER A 331 -26.52 8.13 11.48
C SER A 331 -25.27 7.32 11.19
N PRO A 332 -24.13 7.99 10.87
CA PRO A 332 -22.85 7.27 10.86
C PRO A 332 -22.30 7.14 12.28
N SER A 333 -22.39 5.94 12.83
CA SER A 333 -22.03 5.73 14.23
C SER A 333 -21.08 4.55 14.35
N PHE A 334 -20.16 4.64 15.31
CA PHE A 334 -19.27 3.52 15.60
C PHE A 334 -20.01 2.41 16.33
N ALA A 335 -21.10 2.74 17.04
CA ALA A 335 -21.96 1.74 17.65
C ALA A 335 -23.02 1.21 16.68
N ASP A 336 -23.14 1.79 15.50
CA ASP A 336 -24.08 1.29 14.50
C ASP A 336 -23.62 -0.07 13.97
N LEU A 337 -22.31 -0.28 13.90
CA LEU A 337 -21.77 -1.53 13.37
C LEU A 337 -22.01 -2.70 14.32
N PHE A 338 -22.07 -2.44 15.63
CA PHE A 338 -22.25 -3.48 16.63
C PHE A 338 -23.65 -3.43 17.25
N ARG A 339 -24.61 -2.88 16.51
CA ARG A 339 -25.98 -2.80 17.00
C ARG A 339 -26.64 -4.16 17.06
N THR A 340 -26.46 -4.97 16.01
CA THR A 340 -27.01 -6.31 15.82
C THR A 340 -25.93 -7.36 16.02
N PRO A 341 -26.28 -8.51 16.63
CA PRO A 341 -25.29 -9.61 16.72
C PRO A 341 -24.80 -10.11 15.38
N ARG A 342 -25.66 -10.10 14.35
CA ARG A 342 -25.23 -10.49 13.00
C ARG A 342 -24.21 -9.48 12.45
N LEU A 343 -24.52 -8.20 12.58
CA LEU A 343 -23.63 -7.15 12.08
C LEU A 343 -22.34 -7.09 12.89
N ARG A 344 -22.44 -7.28 14.21
CA ARG A 344 -21.23 -7.32 15.04
C ARG A 344 -20.36 -8.52 14.70
N LYS A 345 -21.00 -9.67 14.42
CA LYS A 345 -20.26 -10.86 14.00
C LYS A 345 -19.54 -10.62 12.69
N ARG A 346 -20.22 -10.05 11.70
CA ARG A 346 -19.59 -9.79 10.42
C ARG A 346 -18.52 -8.70 10.52
N THR A 347 -18.70 -7.74 11.44
CA THR A 347 -17.70 -6.69 11.62
C THR A 347 -16.43 -7.26 12.26
N PHE A 348 -16.59 -8.11 13.28
CA PHE A 348 -15.42 -8.75 13.90
C PHE A 348 -14.73 -9.68 12.90
N ILE A 349 -15.51 -10.40 12.09
CA ILE A 349 -14.94 -11.29 11.08
C ILE A 349 -14.14 -10.50 10.06
N LEU A 350 -14.69 -9.38 9.58
CA LEU A 350 -13.98 -8.58 8.59
C LEU A 350 -12.76 -7.89 9.18
N MET A 351 -12.82 -7.50 10.46
CA MET A 351 -11.66 -6.90 11.11
C MET A 351 -10.53 -7.90 11.27
N TYR A 352 -10.85 -9.11 11.75
CA TYR A 352 -9.83 -10.15 11.90
C TYR A 352 -9.28 -10.57 10.53
N LEU A 353 -10.15 -10.61 9.53
CA LEU A 353 -9.73 -11.01 8.18
C LEU A 353 -8.81 -9.96 7.56
N TRP A 354 -9.11 -8.67 7.78
CA TRP A 354 -8.22 -7.60 7.33
C TRP A 354 -6.87 -7.67 8.03
N PHE A 355 -6.88 -7.91 9.35
CA PHE A 355 -5.63 -8.02 10.08
C PHE A 355 -4.79 -9.20 9.59
N THR A 356 -5.44 -10.35 9.38
CA THR A 356 -4.73 -11.54 8.91
C THR A 356 -4.20 -11.35 7.50
N ASP A 357 -4.99 -10.73 6.61
CA ASP A 357 -4.53 -10.48 5.25
C ASP A 357 -3.36 -9.51 5.21
N SER A 358 -3.40 -8.45 6.02
CA SER A 358 -2.28 -7.51 6.07
C SER A 358 -1.02 -8.18 6.62
N VAL A 359 -1.17 -8.98 7.69
CA VAL A 359 -0.02 -9.67 8.28
C VAL A 359 0.58 -10.65 7.29
N LEU A 360 -0.26 -11.41 6.59
CA LEU A 360 0.20 -12.39 5.62
C LEU A 360 0.89 -11.73 4.43
N TYR A 361 0.32 -10.62 3.94
CA TYR A 361 0.91 -9.90 2.82
C TYR A 361 2.27 -9.33 3.18
N GLN A 362 2.37 -8.70 4.36
CA GLN A 362 3.63 -8.12 4.79
C GLN A 362 4.68 -9.20 5.03
N GLY A 363 4.28 -10.34 5.61
CA GLY A 363 5.22 -11.43 5.82
C GLY A 363 5.71 -12.06 4.53
N LEU A 364 4.81 -12.25 3.56
CA LEU A 364 5.22 -12.82 2.29
C LEU A 364 6.08 -11.85 1.49
N ILE A 365 5.87 -10.54 1.68
CA ILE A 365 6.74 -9.56 1.04
C ILE A 365 8.12 -9.57 1.68
N LEU A 366 8.18 -9.59 3.01
CA LEU A 366 9.45 -9.45 3.71
C LEU A 366 10.30 -10.71 3.66
N HIS A 367 9.67 -11.90 3.65
CA HIS A 367 10.43 -13.14 3.80
C HIS A 367 11.31 -13.41 2.59
N MET A 368 10.81 -13.06 1.41
CA MET A 368 11.60 -13.23 0.18
C MET A 368 12.17 -11.92 -0.31
N GLY A 369 13.45 -11.69 -0.06
CA GLY A 369 14.12 -10.49 -0.50
C GLY A 369 15.51 -10.82 -1.02
N ALA A 370 15.81 -12.12 -1.11
CA ALA A 370 17.11 -12.57 -1.57
C ALA A 370 17.21 -12.65 -3.09
N THR A 371 16.14 -12.31 -3.81
CA THR A 371 16.19 -12.26 -5.27
C THR A 371 17.15 -11.16 -5.72
N SER A 372 18.28 -11.54 -6.28
CA SER A 372 19.35 -10.60 -6.59
C SER A 372 19.02 -9.84 -7.88
N GLY A 373 19.95 -9.01 -8.32
CA GLY A 373 19.75 -8.18 -9.48
C GLY A 373 19.43 -6.74 -9.13
N ASN A 374 18.82 -6.05 -10.08
CA ASN A 374 18.45 -4.66 -9.89
C ASN A 374 17.26 -4.54 -8.93
N LEU A 375 17.24 -3.45 -8.17
CA LEU A 375 16.11 -3.18 -7.29
C LEU A 375 14.85 -2.88 -8.09
N TYR A 376 14.99 -2.18 -9.22
CA TYR A 376 13.84 -1.87 -10.07
C TYR A 376 13.23 -3.13 -10.67
N LEU A 377 14.09 -4.07 -11.11
CA LEU A 377 13.58 -5.32 -11.65
C LEU A 377 12.94 -6.17 -10.57
N ASP A 378 13.48 -6.12 -9.34
CA ASP A 378 12.86 -6.82 -8.22
C ASP A 378 11.48 -6.25 -7.90
N PHE A 379 11.35 -4.92 -7.94
CA PHE A 379 10.07 -4.29 -7.69
C PHE A 379 9.07 -4.59 -8.80
N LEU A 380 9.55 -4.67 -10.05
CA LEU A 380 8.68 -5.06 -11.17
C LEU A 380 8.21 -6.50 -11.02
N TYR A 381 9.11 -7.39 -10.57
CA TYR A 381 8.73 -8.79 -10.37
C TYR A 381 7.76 -8.93 -9.21
N SER A 382 7.89 -8.08 -8.19
CA SER A 382 6.95 -8.11 -7.07
C SER A 382 5.61 -7.50 -7.45
N ALA A 383 5.60 -6.54 -8.38
CA ALA A 383 4.38 -5.82 -8.73
C ALA A 383 3.59 -6.50 -9.84
N LEU A 384 4.28 -7.11 -10.82
CA LEU A 384 3.59 -7.72 -11.95
C LEU A 384 2.97 -9.07 -11.60
N VAL A 385 3.25 -9.61 -10.41
CA VAL A 385 2.71 -10.92 -10.05
C VAL A 385 1.25 -10.82 -9.63
N GLU A 386 0.73 -9.61 -9.39
CA GLU A 386 -0.66 -9.45 -8.98
C GLU A 386 -1.63 -9.52 -10.14
N ILE A 387 -1.14 -9.37 -11.38
CA ILE A 387 -2.03 -9.35 -12.55
C ILE A 387 -2.73 -10.68 -12.80
N PRO A 388 -2.02 -11.85 -12.88
CA PRO A 388 -2.75 -13.08 -13.22
C PRO A 388 -3.73 -13.54 -12.14
N GLY A 389 -3.39 -13.33 -10.88
CA GLY A 389 -4.34 -13.66 -9.82
C GLY A 389 -5.58 -12.77 -9.85
N ALA A 390 -5.38 -11.48 -10.17
CA ALA A 390 -6.53 -10.59 -10.28
C ALA A 390 -7.39 -10.93 -11.50
N PHE A 391 -6.77 -11.42 -12.57
CA PHE A 391 -7.55 -11.89 -13.71
C PHE A 391 -8.32 -13.17 -13.37
N ILE A 392 -7.69 -14.05 -12.59
CA ILE A 392 -8.37 -15.24 -12.07
C ILE A 392 -9.58 -14.84 -11.22
N ALA A 393 -9.41 -13.80 -10.40
CA ALA A 393 -10.54 -13.26 -9.65
C ALA A 393 -11.61 -12.74 -10.61
N LEU A 394 -11.22 -11.88 -11.56
CA LEU A 394 -12.17 -11.25 -12.48
C LEU A 394 -12.94 -12.27 -13.31
N ILE A 395 -12.41 -13.48 -13.47
CA ILE A 395 -13.17 -14.56 -14.10
C ILE A 395 -13.82 -15.53 -13.10
N THR A 396 -13.54 -15.42 -11.80
CA THR A 396 -14.12 -16.38 -10.86
C THR A 396 -15.16 -15.81 -9.90
N ILE A 397 -15.26 -14.49 -9.71
CA ILE A 397 -16.32 -13.94 -8.86
C ILE A 397 -17.70 -14.22 -9.45
N ASP A 398 -17.86 -14.02 -10.75
CA ASP A 398 -19.17 -14.20 -11.37
C ASP A 398 -19.57 -15.66 -11.39
N ARG A 399 -18.61 -16.56 -11.63
CA ARG A 399 -18.94 -17.98 -11.76
C ARG A 399 -19.22 -18.63 -10.41
N VAL A 400 -18.44 -18.29 -9.39
CA VAL A 400 -18.56 -18.93 -8.07
C VAL A 400 -19.25 -18.02 -7.06
N GLY A 401 -18.62 -16.88 -6.74
CA GLY A 401 -19.20 -15.99 -5.75
C GLY A 401 -18.13 -15.15 -5.09
N ARG A 402 -18.46 -14.64 -3.90
CA ARG A 402 -17.59 -13.73 -3.16
C ARG A 402 -17.11 -14.31 -1.83
N ILE A 403 -17.43 -15.57 -1.54
CA ILE A 403 -17.03 -16.22 -0.29
C ILE A 403 -16.09 -17.39 -0.55
N TYR A 404 -16.48 -18.29 -1.45
CA TYR A 404 -15.65 -19.45 -1.78
C TYR A 404 -14.30 -19.08 -2.40
N PRO A 405 -14.19 -18.15 -3.39
CA PRO A 405 -12.85 -17.76 -3.84
C PRO A 405 -11.97 -17.16 -2.76
N MET A 406 -12.55 -16.36 -1.86
CA MET A 406 -11.80 -15.80 -0.75
C MET A 406 -11.30 -16.90 0.18
N ALA A 407 -12.16 -17.88 0.47
CA ALA A 407 -11.82 -18.98 1.35
C ALA A 407 -10.71 -19.85 0.76
N MET A 408 -10.84 -20.20 -0.51
CA MET A 408 -9.82 -21.00 -1.17
C MET A 408 -8.51 -20.24 -1.20
N SER A 409 -8.59 -18.94 -1.50
CA SER A 409 -7.37 -18.14 -1.60
C SER A 409 -6.64 -18.08 -0.26
N ASN A 410 -7.38 -17.89 0.83
CA ASN A 410 -6.75 -17.90 2.15
C ASN A 410 -6.20 -19.28 2.50
N LEU A 411 -6.92 -20.35 2.13
CA LEU A 411 -6.43 -21.70 2.35
C LEU A 411 -5.17 -21.97 1.54
N LEU A 412 -5.13 -21.51 0.30
CA LEU A 412 -3.94 -21.67 -0.53
C LEU A 412 -2.76 -20.89 0.01
N ALA A 413 -3.01 -19.68 0.53
CA ALA A 413 -1.94 -18.89 1.14
C ALA A 413 -1.40 -19.56 2.39
N GLY A 414 -2.29 -20.12 3.22
CA GLY A 414 -1.84 -20.83 4.40
C GLY A 414 -1.08 -22.10 4.06
N ALA A 415 -1.51 -22.81 3.02
CA ALA A 415 -0.80 -24.00 2.58
C ALA A 415 0.57 -23.66 2.01
N ALA A 416 0.66 -22.56 1.26
CA ALA A 416 1.95 -22.13 0.70
C ALA A 416 2.89 -21.69 1.82
N CYS A 417 2.34 -21.06 2.87
CA CYS A 417 3.16 -20.76 4.04
C CYS A 417 3.56 -22.02 4.79
N LEU A 418 2.75 -23.08 4.70
CA LEU A 418 3.06 -24.36 5.33
C LEU A 418 3.80 -25.32 4.41
N VAL A 419 4.05 -24.94 3.16
CA VAL A 419 4.83 -25.76 2.24
C VAL A 419 6.29 -25.30 2.20
N MET A 420 6.53 -23.99 2.15
CA MET A 420 7.89 -23.48 2.02
C MET A 420 8.69 -23.60 3.32
N ILE A 421 8.04 -23.92 4.43
CA ILE A 421 8.79 -24.20 5.66
C ILE A 421 9.54 -25.53 5.53
N PHE A 422 8.88 -26.56 5.01
CA PHE A 422 9.50 -27.86 4.84
C PHE A 422 10.25 -27.98 3.52
N ILE A 423 10.19 -26.96 2.66
CA ILE A 423 10.95 -26.94 1.43
C ILE A 423 12.41 -26.66 1.75
N SER A 424 13.31 -27.41 1.11
CA SER A 424 14.73 -27.25 1.34
C SER A 424 15.22 -25.91 0.79
N PRO A 425 16.29 -25.35 1.36
CA PRO A 425 16.90 -24.16 0.74
C PRO A 425 17.44 -24.40 -0.66
N ASP A 426 17.84 -25.64 -0.97
CA ASP A 426 18.22 -25.98 -2.33
C ASP A 426 16.99 -26.02 -3.23
N LEU A 427 17.23 -26.00 -4.54
CA LEU A 427 16.20 -25.89 -5.58
C LEU A 427 15.34 -24.65 -5.34
N HIS A 428 15.97 -23.48 -5.48
CA HIS A 428 15.34 -22.22 -5.14
C HIS A 428 14.20 -21.85 -6.08
N TRP A 429 14.14 -22.45 -7.28
CA TRP A 429 13.05 -22.15 -8.21
C TRP A 429 11.70 -22.60 -7.65
N LEU A 430 11.67 -23.75 -6.98
CA LEU A 430 10.44 -24.22 -6.34
C LEU A 430 10.02 -23.28 -5.22
N ASN A 431 10.98 -22.79 -4.43
CA ASN A 431 10.65 -21.84 -3.36
C ASN A 431 10.13 -20.53 -3.93
N ILE A 432 10.72 -20.05 -5.03
CA ILE A 432 10.26 -18.82 -5.67
C ILE A 432 8.84 -19.00 -6.22
N ILE A 433 8.57 -20.13 -6.86
CA ILE A 433 7.23 -20.33 -7.42
C ILE A 433 6.19 -20.57 -6.31
N ILE A 434 6.60 -21.14 -5.18
CA ILE A 434 5.68 -21.30 -4.04
C ILE A 434 5.37 -19.94 -3.43
N MET A 435 6.38 -19.08 -3.34
CA MET A 435 6.13 -17.73 -2.86
C MET A 435 5.16 -17.04 -3.81
N CYS A 436 5.44 -17.15 -5.11
CA CYS A 436 4.58 -16.50 -6.09
C CYS A 436 3.14 -16.98 -5.99
N VAL A 437 2.93 -18.27 -5.77
CA VAL A 437 1.59 -18.82 -5.61
C VAL A 437 0.92 -18.27 -4.35
N GLY A 438 1.67 -18.21 -3.24
CA GLY A 438 1.12 -17.65 -2.02
C GLY A 438 0.79 -16.18 -2.12
N ARG A 439 1.66 -15.41 -2.79
CA ARG A 439 1.40 -14.00 -3.02
C ARG A 439 0.20 -13.80 -3.94
N MET A 440 0.05 -14.68 -4.94
CA MET A 440 -1.10 -14.65 -5.82
C MET A 440 -2.40 -14.85 -5.04
N GLY A 441 -2.43 -15.88 -4.18
CA GLY A 441 -3.60 -16.12 -3.37
C GLY A 441 -3.88 -14.99 -2.39
N ILE A 442 -2.82 -14.38 -1.86
CA ILE A 442 -2.98 -13.25 -0.95
C ILE A 442 -3.57 -12.05 -1.67
N THR A 443 -3.10 -11.78 -2.89
CA THR A 443 -3.66 -10.66 -3.66
C THR A 443 -5.13 -10.91 -4.02
N ILE A 444 -5.47 -12.15 -4.37
CA ILE A 444 -6.87 -12.48 -4.64
C ILE A 444 -7.71 -12.29 -3.39
N ALA A 445 -7.22 -12.73 -2.23
CA ALA A 445 -7.97 -12.59 -0.99
C ALA A 445 -8.14 -11.12 -0.61
N ILE A 446 -7.11 -10.30 -0.84
CA ILE A 446 -7.21 -8.87 -0.53
C ILE A 446 -8.22 -8.19 -1.44
N GLN A 447 -8.24 -8.53 -2.72
CA GLN A 447 -9.26 -7.96 -3.61
C GLN A 447 -10.66 -8.43 -3.23
N MET A 448 -10.80 -9.70 -2.84
CA MET A 448 -12.10 -10.22 -2.42
C MET A 448 -12.59 -9.54 -1.14
N ILE A 449 -11.72 -9.33 -0.16
CA ILE A 449 -12.17 -8.68 1.07
C ILE A 449 -12.43 -7.19 0.83
N CYS A 450 -11.69 -6.58 -0.12
CA CYS A 450 -11.97 -5.21 -0.50
C CYS A 450 -13.35 -5.06 -1.15
N LEU A 451 -13.74 -6.04 -1.96
CA LEU A 451 -15.09 -6.03 -2.53
C LEU A 451 -16.14 -6.29 -1.46
N VAL A 452 -15.91 -7.32 -0.63
CA VAL A 452 -16.94 -7.80 0.29
C VAL A 452 -17.21 -6.80 1.42
N ASN A 453 -16.14 -6.20 1.93
CA ASN A 453 -16.29 -5.20 2.97
C ASN A 453 -17.20 -4.07 2.50
N ALA A 454 -16.97 -3.58 1.30
CA ALA A 454 -17.79 -2.51 0.76
C ALA A 454 -19.20 -3.00 0.45
N GLU A 455 -19.35 -4.25 0.01
CA GLU A 455 -20.68 -4.74 -0.38
C GLU A 455 -21.59 -5.01 0.81
N LEU A 456 -21.04 -5.43 1.95
CA LEU A 456 -21.84 -5.90 3.07
C LEU A 456 -22.21 -4.80 4.07
N TYR A 457 -22.31 -3.56 3.63
CA TYR A 457 -22.66 -2.49 4.57
C TYR A 457 -23.66 -1.54 3.94
N PRO A 458 -24.51 -0.90 4.76
CA PRO A 458 -25.42 0.12 4.23
C PRO A 458 -24.67 1.34 3.73
N THR A 459 -25.33 2.07 2.81
CA THR A 459 -24.69 3.20 2.14
C THR A 459 -24.32 4.31 3.13
N PHE A 460 -25.19 4.62 4.08
CA PHE A 460 -24.93 5.65 5.07
C PHE A 460 -24.00 5.20 6.18
N VAL A 461 -23.38 4.02 6.06
CA VAL A 461 -22.48 3.48 7.08
C VAL A 461 -21.19 3.06 6.38
N ARG A 462 -21.26 2.97 5.04
CA ARG A 462 -20.33 2.17 4.23
C ARG A 462 -18.86 2.60 4.40
N ASN A 463 -18.57 3.88 4.23
CA ASN A 463 -17.18 4.34 4.32
C ASN A 463 -16.66 4.24 5.75
N LEU A 464 -17.44 4.70 6.73
CA LEU A 464 -17.03 4.62 8.14
C LEU A 464 -16.92 3.17 8.59
N GLY A 465 -17.87 2.32 8.18
CA GLY A 465 -17.82 0.92 8.57
C GLY A 465 -16.64 0.19 7.95
N VAL A 466 -16.30 0.52 6.70
CA VAL A 466 -15.14 -0.08 6.06
C VAL A 466 -13.85 0.36 6.76
N MET A 467 -13.73 1.67 7.06
CA MET A 467 -12.55 2.17 7.76
C MET A 467 -12.41 1.57 9.16
N VAL A 468 -13.54 1.29 9.82
CA VAL A 468 -13.49 0.56 11.07
C VAL A 468 -13.01 -0.87 10.84
N CYS A 469 -13.53 -1.53 9.80
CA CYS A 469 -13.10 -2.90 9.51
C CYS A 469 -11.69 -2.96 8.96
N SER A 470 -11.25 -1.95 8.22
CA SER A 470 -9.92 -1.94 7.63
C SER A 470 -8.88 -1.26 8.51
N SER A 471 -9.26 -0.85 9.74
CA SER A 471 -8.30 -0.24 10.64
C SER A 471 -7.29 -1.25 11.19
N LEU A 472 -7.62 -2.55 11.14
CA LEU A 472 -6.68 -3.57 11.62
C LEU A 472 -5.57 -3.86 10.61
N CYS A 473 -5.70 -3.39 9.38
CA CYS A 473 -4.64 -3.55 8.39
C CYS A 473 -3.40 -2.76 8.79
N ASP A 474 -3.59 -1.53 9.26
CA ASP A 474 -2.46 -0.69 9.65
C ASP A 474 -1.80 -1.19 10.92
N ILE A 475 -2.59 -1.74 11.84
CA ILE A 475 -2.04 -2.35 13.04
C ILE A 475 -1.17 -3.55 12.68
N GLY A 476 -1.65 -4.38 11.75
CA GLY A 476 -0.85 -5.50 11.28
C GLY A 476 0.41 -5.05 10.58
N GLY A 477 0.32 -3.98 9.79
CA GLY A 477 1.52 -3.44 9.15
C GLY A 477 2.53 -2.90 10.13
N ILE A 478 2.06 -2.34 11.25
CA ILE A 478 2.97 -1.83 12.27
C ILE A 478 3.64 -2.97 13.02
N ILE A 479 2.85 -3.94 13.49
CA ILE A 479 3.39 -4.95 14.40
C ILE A 479 4.07 -6.11 13.66
N THR A 480 3.78 -6.29 12.37
CA THR A 480 4.33 -7.42 11.62
C THR A 480 5.87 -7.46 11.54
N PRO A 481 6.60 -6.37 11.21
CA PRO A 481 8.07 -6.49 11.19
C PRO A 481 8.68 -6.81 12.55
N PHE A 482 8.14 -6.27 13.63
CA PHE A 482 8.63 -6.59 14.96
C PHE A 482 8.31 -8.04 15.32
N ILE A 483 7.10 -8.50 14.99
CA ILE A 483 6.70 -9.87 15.30
C ILE A 483 7.58 -10.86 14.54
N VAL A 484 7.80 -10.61 13.24
CA VAL A 484 8.61 -11.53 12.45
C VAL A 484 10.06 -11.49 12.89
N PHE A 485 10.55 -10.32 13.33
CA PHE A 485 11.94 -10.21 13.76
C PHE A 485 12.17 -10.97 15.06
N ARG A 486 11.30 -10.75 16.07
CA ARG A 486 11.47 -11.45 17.35
C ARG A 486 11.22 -12.95 17.20
N LEU A 487 10.24 -13.33 16.39
CA LEU A 487 9.96 -14.75 16.20
C LEU A 487 11.09 -15.45 15.43
N ARG A 488 11.69 -14.76 14.45
CA ARG A 488 12.84 -15.31 13.75
C ARG A 488 14.04 -15.41 14.67
N GLU A 489 14.16 -14.48 15.62
CA GLU A 489 15.21 -14.59 16.65
C GLU A 489 14.96 -15.81 17.53
N VAL A 490 13.69 -16.10 17.84
CA VAL A 490 13.38 -17.25 18.69
C VAL A 490 13.57 -18.55 17.93
N TRP A 491 12.91 -18.69 16.77
CA TRP A 491 12.92 -19.92 15.99
C TRP A 491 13.02 -19.56 14.52
N GLN A 492 13.79 -20.36 13.77
CA GLN A 492 14.09 -20.02 12.38
C GLN A 492 12.85 -20.03 11.50
N ALA A 493 11.80 -20.77 11.90
CA ALA A 493 10.61 -20.92 11.08
C ALA A 493 9.31 -20.60 11.82
N LEU A 494 9.38 -20.08 13.04
CA LEU A 494 8.18 -19.74 13.80
C LEU A 494 7.24 -18.74 13.12
N PRO A 495 7.71 -17.66 12.46
CA PRO A 495 6.76 -16.83 11.70
C PRO A 495 6.02 -17.59 10.61
N LEU A 496 6.65 -18.61 10.02
CA LEU A 496 5.99 -19.36 8.97
C LEU A 496 4.85 -20.20 9.52
N ILE A 497 5.04 -20.82 10.69
CA ILE A 497 3.95 -21.58 11.31
C ILE A 497 2.84 -20.62 11.76
N LEU A 498 3.21 -19.44 12.28
CA LEU A 498 2.18 -18.48 12.67
C LEU A 498 1.40 -17.98 11.47
N PHE A 499 2.08 -17.77 10.34
CA PHE A 499 1.42 -17.37 9.10
C PHE A 499 0.47 -18.46 8.61
N ALA A 500 0.90 -19.71 8.67
CA ALA A 500 0.04 -20.82 8.25
C ALA A 500 -1.18 -20.97 9.14
N VAL A 501 -1.00 -20.81 10.45
CA VAL A 501 -2.11 -20.90 11.40
C VAL A 501 -3.11 -19.77 11.15
N LEU A 502 -2.58 -18.55 10.96
CA LEU A 502 -3.45 -17.41 10.70
C LEU A 502 -4.20 -17.56 9.38
N GLY A 503 -3.52 -18.07 8.35
CA GLY A 503 -4.19 -18.29 7.07
C GLY A 503 -5.27 -19.36 7.13
N LEU A 504 -4.99 -20.46 7.84
CA LEU A 504 -6.00 -21.52 7.98
C LEU A 504 -7.20 -21.04 8.78
N LEU A 505 -6.96 -20.30 9.87
CA LEU A 505 -8.06 -19.79 10.67
C LEU A 505 -8.86 -18.73 9.90
N ALA A 506 -8.18 -17.94 9.07
CA ALA A 506 -8.88 -16.96 8.24
C ALA A 506 -9.73 -17.64 7.18
N ALA A 507 -9.20 -18.73 6.59
CA ALA A 507 -9.98 -19.48 5.60
C ALA A 507 -11.19 -20.14 6.22
N GLY A 508 -11.05 -20.64 7.45
CA GLY A 508 -12.21 -21.16 8.17
C GLY A 508 -13.21 -20.09 8.56
N VAL A 509 -12.72 -18.88 8.89
CA VAL A 509 -13.59 -17.82 9.40
C VAL A 509 -14.48 -17.25 8.31
N THR A 510 -13.93 -17.07 7.09
CA THR A 510 -14.64 -16.29 6.07
C THR A 510 -15.88 -17.00 5.54
N LEU A 511 -16.02 -18.30 5.79
CA LEU A 511 -17.20 -19.03 5.34
C LEU A 511 -18.47 -18.59 6.04
N LEU A 512 -18.35 -18.00 7.23
CA LEU A 512 -19.53 -17.50 7.95
C LEU A 512 -20.01 -16.15 7.42
N LEU A 513 -19.27 -15.51 6.52
CA LEU A 513 -19.73 -14.29 5.91
C LEU A 513 -20.92 -14.57 4.99
N PRO A 514 -21.90 -13.68 4.93
CA PRO A 514 -23.04 -13.90 4.02
C PRO A 514 -22.64 -13.76 2.57
N GLU A 515 -23.27 -14.57 1.72
CA GLU A 515 -23.01 -14.53 0.28
C GLU A 515 -23.68 -13.30 -0.32
N THR A 516 -22.91 -12.52 -1.08
CA THR A 516 -23.39 -11.27 -1.67
C THR A 516 -23.14 -11.26 -3.17
N LYS A 517 -23.33 -12.42 -3.83
CA LYS A 517 -23.22 -12.53 -5.27
C LYS A 517 -24.56 -12.16 -5.92
N GLY A 518 -24.52 -11.22 -6.86
CA GLY A 518 -25.71 -10.82 -7.58
C GLY A 518 -26.77 -10.16 -6.72
N VAL A 519 -26.34 -9.41 -5.71
CA VAL A 519 -27.24 -8.73 -4.78
C VAL A 519 -26.92 -7.25 -4.80
N ALA A 520 -27.96 -6.42 -4.83
CA ALA A 520 -27.77 -4.97 -4.84
C ALA A 520 -27.23 -4.50 -3.49
N LEU A 521 -26.58 -3.34 -3.52
CA LEU A 521 -25.99 -2.78 -2.31
C LEU A 521 -27.10 -2.38 -1.33
N PRO A 522 -26.94 -2.66 -0.04
CA PRO A 522 -27.97 -2.26 0.93
C PRO A 522 -28.08 -0.75 1.05
N GLU A 523 -29.30 -0.27 1.30
CA GLU A 523 -29.59 1.16 1.38
C GLU A 523 -30.05 1.59 2.75
N THR A 524 -30.91 0.80 3.39
CA THR A 524 -31.47 1.08 4.70
C THR A 524 -30.86 0.15 5.74
N MET A 525 -31.27 0.30 6.99
CA MET A 525 -30.73 -0.54 8.04
C MET A 525 -31.18 -1.99 7.88
N LYS A 526 -32.42 -2.19 7.46
CA LYS A 526 -32.94 -3.56 7.36
C LYS A 526 -32.34 -4.31 6.18
N ASP A 527 -31.91 -3.60 5.13
CA ASP A 527 -31.42 -4.26 3.92
C ASP A 527 -30.12 -5.03 4.17
N ALA A 528 -29.21 -4.46 4.96
CA ALA A 528 -27.97 -5.16 5.28
C ALA A 528 -28.19 -6.26 6.32
N GLU A 529 -29.30 -6.19 7.06
CA GLU A 529 -29.60 -7.24 8.01
C GLU A 529 -30.08 -8.45 7.23
N ASN A 530 -30.42 -8.23 5.96
CA ASN A 530 -30.91 -9.32 5.13
C ASN A 530 -29.82 -9.90 4.25
N LEU A 531 -28.61 -9.35 4.35
CA LEU A 531 -27.50 -9.82 3.51
C LEU A 531 -27.24 -11.30 3.75
N GLY A 532 -27.09 -12.05 2.66
CA GLY A 532 -26.85 -13.48 2.78
C GLY A 532 -27.91 -14.17 3.63
C8 SNL B . -2.11 -4.56 -3.84
C4 SNL B . -5.61 -3.58 -2.62
C5 SNL B . -4.18 -3.51 -3.15
C2 SNL B . -5.20 -1.03 0.41
C6 SNL B . -3.18 -3.42 -2.00
C1 SNL B . -6.61 -1.11 1.03
C3 SNL B . -5.91 -2.44 -1.61
C7 SNL B . -1.83 -3.51 -2.73
C9 SNL B . -3.65 -4.75 -3.89
C10 SNL B . -4.06 -2.26 -4.06
C11 SNL B . -5.32 0.17 -0.55
C12 SNL B . -6.82 -0.30 2.33
C13 SNL B . -3.94 -6.25 -3.78
C14 SNL B . -3.68 -6.84 -5.16
C15 SNL B . -4.05 -5.74 -6.16
C16 SNL B . -0.90 -3.01 1.95
C17 SNL B . 0.42 -2.54 1.31
C18 SNL B . -5.61 -0.43 3.27
C19 SNL B . -4.21 -0.37 2.64
C20 SNL B . -4.05 -0.64 1.38
C21 SNL B . -2.68 -0.60 0.66
C22 SNL B . -2.35 -1.90 -0.10
C23 SNL B . -3.46 -2.18 -1.13
C24 SNL B . -4.86 -2.25 -0.48
O57 SNL B . -4.42 -5.86 -7.28
O58 SNL B . -3.84 -4.41 -5.37
O59 SNL B . -0.94 -3.25 3.10
O60 SNL B . -5.75 -0.57 4.44
S61 SNL B . -2.28 -3.17 1.00
#